data_4X0R
#
_entry.id   4X0R
#
_cell.length_a   154.612
_cell.length_b   154.612
_cell.length_c   103.340
_cell.angle_alpha   90.00
_cell.angle_beta   90.00
_cell.angle_gamma   120.00
#
_symmetry.space_group_name_H-M   'P 31 2 1'
#
_entity_poly.entity_id   1
_entity_poly.type   'polypeptide(L)'
_entity_poly.pdbx_seq_one_letter_code
;SQEADKMFFLIEKIKMFNQDIEKLVEGEEVVRENETRLYNKIREDFKNWVGILATNTQKVKNIIHEEVEKYEKQAAAAEL
LGFVNYKTFEIIVHQYIQQLVEPALSMLQKAMEIIQQAFINVAKKHFGEFFNLNQTVQSTIEDIKVKHTAKAENMIQLQF
RMEQMVFKLNSHFPSNESSVSSFTEIGIHLNAYFLETSKRLANQIPFIIQYFMLRENGDSLQKAMMQILQEKNRYSWLL
;
_entity_poly.pdbx_strand_id   B,A
#
# COMPACT_ATOMS: atom_id res chain seq x y z
N GLU A 3 11.75 -13.66 49.97
CA GLU A 3 11.47 -14.61 48.90
C GLU A 3 9.97 -14.72 48.71
N ALA A 4 9.20 -14.05 49.56
CA ALA A 4 7.75 -14.00 49.33
C ALA A 4 7.48 -13.43 47.94
N ASP A 5 8.50 -12.84 47.33
CA ASP A 5 8.38 -12.31 45.98
C ASP A 5 8.65 -13.34 44.88
N LYS A 6 8.27 -14.60 45.12
CA LYS A 6 8.42 -15.63 44.10
C LYS A 6 7.43 -15.27 43.02
N MET A 7 6.86 -14.07 43.16
CA MET A 7 5.90 -13.51 42.22
C MET A 7 6.55 -13.19 40.90
N PHE A 8 7.86 -13.36 40.84
CA PHE A 8 8.61 -13.42 39.60
C PHE A 8 8.17 -14.62 38.74
N PHE A 9 7.22 -15.42 39.23
CA PHE A 9 6.64 -16.47 38.41
C PHE A 9 5.76 -15.85 37.33
N LEU A 10 5.55 -14.54 37.43
CA LEU A 10 4.93 -13.77 36.36
C LEU A 10 5.77 -13.90 35.11
N ILE A 11 7.09 -13.90 35.30
CA ILE A 11 8.02 -14.05 34.21
C ILE A 11 7.63 -15.28 33.39
N GLU A 12 7.26 -16.36 34.08
CA GLU A 12 6.80 -17.53 33.36
C GLU A 12 5.44 -17.34 32.69
N LYS A 13 4.46 -16.85 33.44
CA LYS A 13 3.12 -16.65 32.89
C LYS A 13 3.16 -15.94 31.56
N ILE A 14 3.71 -14.73 31.59
CA ILE A 14 3.88 -13.95 30.40
C ILE A 14 4.61 -14.76 29.32
N LYS A 15 5.74 -15.38 29.66
CA LYS A 15 6.47 -16.17 28.66
C LYS A 15 5.52 -17.13 27.96
N MET A 16 4.69 -17.82 28.75
CA MET A 16 3.76 -18.78 28.20
C MET A 16 2.64 -18.08 27.44
N PHE A 17 2.03 -17.06 28.06
CA PHE A 17 0.92 -16.33 27.43
C PHE A 17 1.40 -15.80 26.09
N ASN A 18 2.46 -15.01 26.14
CA ASN A 18 3.08 -14.53 24.92
C ASN A 18 3.29 -15.63 23.90
N GLN A 19 3.84 -16.78 24.33
CA GLN A 19 4.04 -17.88 23.40
C GLN A 19 2.73 -18.26 22.73
N ASP A 20 1.70 -18.50 23.54
CA ASP A 20 0.39 -18.86 23.03
C ASP A 20 -0.09 -17.84 21.99
N ILE A 21 0.06 -16.55 22.29
CA ILE A 21 -0.36 -15.51 21.36
C ILE A 21 0.35 -15.69 20.04
N GLU A 22 1.68 -15.82 20.10
CA GLU A 22 2.45 -15.96 18.88
C GLU A 22 1.97 -17.19 18.08
N LYS A 23 1.58 -18.24 18.78
CA LYS A 23 1.10 -19.44 18.09
C LYS A 23 -0.15 -19.09 17.28
N LEU A 24 -1.08 -18.33 17.86
CA LEU A 24 -2.26 -17.83 17.15
C LEU A 24 -1.85 -17.06 15.90
N VAL A 25 -0.79 -16.27 16.00
CA VAL A 25 -0.32 -15.47 14.89
C VAL A 25 0.28 -16.35 13.80
N GLU A 26 0.90 -17.46 14.22
CA GLU A 26 1.58 -18.35 13.29
C GLU A 26 0.70 -19.52 12.87
N GLY A 27 -0.56 -19.49 13.30
CA GLY A 27 -1.55 -20.51 12.95
C GLY A 27 -1.31 -21.86 13.59
N GLU A 28 -0.38 -21.92 14.53
CA GLU A 28 -0.02 -23.17 15.20
C GLU A 28 -0.67 -23.29 16.57
N GLU A 29 -1.84 -22.69 16.75
CA GLU A 29 -2.54 -22.81 18.03
C GLU A 29 -2.91 -24.26 18.29
N VAL A 30 -3.48 -24.52 19.45
CA VAL A 30 -3.86 -25.87 19.79
C VAL A 30 -5.30 -25.85 20.23
N VAL A 31 -6.11 -26.69 19.59
CA VAL A 31 -7.55 -26.64 19.82
C VAL A 31 -8.13 -28.02 20.13
N ARG A 32 -9.41 -28.06 20.50
CA ARG A 32 -10.12 -29.32 20.67
C ARG A 32 -10.38 -29.93 19.29
N GLU A 33 -11.08 -31.05 19.26
CA GLU A 33 -11.51 -31.65 18.01
C GLU A 33 -12.77 -30.96 17.48
N ASN A 34 -13.46 -30.27 18.38
CA ASN A 34 -14.76 -29.67 18.07
C ASN A 34 -14.69 -28.14 18.01
N GLU A 35 -13.53 -27.63 17.63
CA GLU A 35 -13.34 -26.20 17.47
C GLU A 35 -12.26 -25.98 16.42
N THR A 36 -12.37 -24.89 15.68
CA THR A 36 -11.51 -24.68 14.54
C THR A 36 -10.39 -23.68 14.83
N ARG A 37 -9.35 -23.71 14.01
CA ARG A 37 -8.22 -22.81 14.17
C ARG A 37 -8.56 -21.36 13.83
N LEU A 38 -7.71 -20.41 14.23
CA LEU A 38 -7.94 -19.01 13.92
C LEU A 38 -7.71 -18.77 12.44
N TYR A 39 -6.53 -19.18 11.95
CA TYR A 39 -6.20 -19.07 10.53
C TYR A 39 -7.33 -19.48 9.62
N ASN A 40 -8.04 -20.55 9.97
CA ASN A 40 -9.10 -21.00 9.09
C ASN A 40 -10.33 -20.12 9.19
N LYS A 41 -10.65 -19.70 10.40
CA LYS A 41 -11.80 -18.84 10.64
C LYS A 41 -11.64 -17.57 9.81
N ILE A 42 -10.40 -17.08 9.75
CA ILE A 42 -10.02 -15.93 8.96
C ILE A 42 -10.03 -16.17 7.45
N ARG A 43 -9.48 -17.32 7.04
CA ARG A 43 -9.44 -17.67 5.62
C ARG A 43 -10.84 -17.74 5.04
N GLU A 44 -11.81 -18.20 5.82
CA GLU A 44 -13.19 -18.23 5.33
C GLU A 44 -13.67 -16.83 4.94
N ASP A 45 -13.34 -15.86 5.79
CA ASP A 45 -13.66 -14.47 5.54
C ASP A 45 -12.96 -13.96 4.27
N PHE A 46 -11.67 -14.28 4.16
CA PHE A 46 -10.92 -13.89 2.96
C PHE A 46 -11.52 -14.51 1.68
N LYS A 47 -11.93 -15.77 1.76
CA LYS A 47 -12.51 -16.46 0.60
C LYS A 47 -13.79 -15.76 0.19
N ASN A 48 -14.58 -15.38 1.18
CA ASN A 48 -15.76 -14.56 0.92
C ASN A 48 -15.39 -13.27 0.14
N TRP A 49 -14.32 -12.61 0.58
CA TRP A 49 -13.83 -11.41 -0.12
C TRP A 49 -13.50 -11.63 -1.58
N VAL A 50 -12.65 -12.62 -1.84
CA VAL A 50 -12.31 -13.02 -3.21
C VAL A 50 -13.56 -13.29 -4.04
N GLY A 51 -14.57 -13.89 -3.41
CA GLY A 51 -15.84 -14.15 -4.07
C GLY A 51 -16.52 -12.86 -4.51
N ILE A 52 -16.62 -11.93 -3.56
CA ILE A 52 -17.19 -10.62 -3.86
C ILE A 52 -16.45 -9.95 -5.03
N LEU A 53 -15.13 -9.93 -4.95
CA LEU A 53 -14.27 -9.44 -6.02
C LEU A 53 -14.61 -10.05 -7.38
N ALA A 54 -14.69 -11.37 -7.42
CA ALA A 54 -14.94 -12.08 -8.67
C ALA A 54 -16.28 -11.65 -9.28
N THR A 55 -17.29 -11.58 -8.44
CA THR A 55 -18.60 -11.09 -8.89
C THR A 55 -18.57 -9.67 -9.45
N ASN A 56 -18.05 -8.73 -8.66
CA ASN A 56 -18.06 -7.33 -9.10
C ASN A 56 -17.25 -7.09 -10.37
N THR A 57 -16.16 -7.85 -10.49
CA THR A 57 -15.26 -7.74 -11.63
C THR A 57 -15.90 -8.33 -12.88
N GLN A 58 -16.56 -9.47 -12.75
CA GLN A 58 -17.27 -9.99 -13.92
C GLN A 58 -18.35 -8.97 -14.33
N LYS A 59 -18.97 -8.35 -13.34
CA LYS A 59 -20.01 -7.35 -13.59
C LYS A 59 -19.51 -6.14 -14.40
N VAL A 60 -18.43 -5.48 -13.98
CA VAL A 60 -17.95 -4.39 -14.84
C VAL A 60 -17.31 -4.86 -16.16
N LYS A 61 -16.75 -6.06 -16.19
CA LYS A 61 -16.21 -6.56 -17.45
C LYS A 61 -17.35 -6.54 -18.44
N ASN A 62 -18.48 -7.09 -18.01
CA ASN A 62 -19.66 -7.12 -18.88
C ASN A 62 -20.16 -5.71 -19.22
N ILE A 63 -20.24 -4.82 -18.23
CA ILE A 63 -20.60 -3.43 -18.51
C ILE A 63 -19.73 -2.80 -19.61
N ILE A 64 -18.39 -2.79 -19.44
CA ILE A 64 -17.54 -2.13 -20.43
C ILE A 64 -17.51 -2.88 -21.77
N HIS A 65 -17.72 -4.19 -21.77
CA HIS A 65 -17.81 -4.88 -23.05
C HIS A 65 -19.03 -4.38 -23.82
N GLU A 66 -20.14 -4.22 -23.11
CA GLU A 66 -21.34 -3.68 -23.72
C GLU A 66 -21.11 -2.25 -24.22
N GLU A 67 -20.40 -1.44 -23.43
CA GLU A 67 -20.14 -0.07 -23.87
C GLU A 67 -19.33 -0.04 -25.16
N VAL A 68 -18.22 -0.75 -25.16
CA VAL A 68 -17.34 -0.80 -26.32
C VAL A 68 -18.09 -1.28 -27.56
N GLU A 69 -18.93 -2.30 -27.40
CA GLU A 69 -19.76 -2.70 -28.52
C GLU A 69 -20.67 -1.58 -29.01
N LYS A 70 -21.27 -0.87 -28.05
CA LYS A 70 -22.19 0.21 -28.40
C LYS A 70 -21.47 1.24 -29.23
N TYR A 71 -20.34 1.73 -28.73
CA TYR A 71 -19.61 2.77 -29.44
C TYR A 71 -19.04 2.32 -30.79
N GLU A 72 -18.61 1.07 -30.86
CA GLU A 72 -18.08 0.55 -32.12
C GLU A 72 -19.17 0.52 -33.14
N LYS A 73 -20.35 0.14 -32.70
CA LYS A 73 -21.51 0.12 -33.55
C LYS A 73 -21.98 1.50 -34.01
N GLN A 74 -21.90 2.50 -33.13
CA GLN A 74 -22.21 3.88 -33.55
C GLN A 74 -21.23 4.37 -34.61
N ALA A 75 -19.96 4.12 -34.41
CA ALA A 75 -18.98 4.61 -35.34
C ALA A 75 -19.09 3.97 -36.70
N ALA A 76 -19.84 2.90 -36.81
CA ALA A 76 -20.02 2.23 -38.08
C ALA A 76 -21.50 2.05 -38.40
N LYS A 87 -14.51 9.60 -20.95
CA LYS A 87 -14.85 9.76 -19.55
C LYS A 87 -15.81 8.67 -19.15
N THR A 88 -16.55 8.19 -20.14
CA THR A 88 -17.59 7.19 -19.95
C THR A 88 -17.08 5.96 -19.22
N PHE A 89 -15.83 5.56 -19.51
CA PHE A 89 -15.25 4.39 -18.89
C PHE A 89 -14.54 4.67 -17.57
N GLU A 90 -13.90 5.83 -17.47
CA GLU A 90 -13.34 6.25 -16.19
C GLU A 90 -14.42 6.23 -15.12
N ILE A 91 -15.59 6.81 -15.41
CA ILE A 91 -16.69 6.81 -14.45
C ILE A 91 -17.01 5.39 -13.97
N ILE A 92 -17.11 4.45 -14.91
CA ILE A 92 -17.49 3.08 -14.60
C ILE A 92 -16.43 2.35 -13.77
N VAL A 93 -15.16 2.57 -14.10
CA VAL A 93 -14.09 1.95 -13.34
C VAL A 93 -14.01 2.51 -11.91
N HIS A 94 -14.03 3.85 -11.79
CA HIS A 94 -14.14 4.52 -10.50
C HIS A 94 -15.28 3.90 -9.65
N GLN A 95 -16.45 3.75 -10.26
CA GLN A 95 -17.60 3.19 -9.55
C GLN A 95 -17.26 1.78 -9.07
N TYR A 96 -16.72 0.99 -9.98
CA TYR A 96 -16.31 -0.39 -9.71
C TYR A 96 -15.46 -0.53 -8.47
N ILE A 97 -14.51 0.38 -8.36
CA ILE A 97 -13.55 0.39 -7.27
C ILE A 97 -14.17 0.91 -5.96
N GLN A 98 -14.91 2.01 -6.00
CA GLN A 98 -15.60 2.47 -4.78
C GLN A 98 -16.54 1.44 -4.22
N GLN A 99 -17.09 0.60 -5.10
CA GLN A 99 -18.00 -0.44 -4.63
C GLN A 99 -17.32 -1.56 -3.84
N LEU A 100 -15.99 -1.56 -3.81
CA LEU A 100 -15.25 -2.61 -3.13
C LEU A 100 -14.78 -2.14 -1.76
N VAL A 101 -14.77 -0.84 -1.55
CA VAL A 101 -14.33 -0.31 -0.26
C VAL A 101 -15.17 -0.81 0.90
N GLU A 102 -16.49 -0.78 0.78
CA GLU A 102 -17.31 -1.26 1.89
C GLU A 102 -17.12 -2.75 2.20
N PRO A 103 -17.18 -3.63 1.19
CA PRO A 103 -16.89 -5.05 1.46
C PRO A 103 -15.53 -5.26 2.08
N ALA A 104 -14.58 -4.44 1.69
CA ALA A 104 -13.20 -4.58 2.16
C ALA A 104 -13.14 -4.25 3.64
N LEU A 105 -13.72 -3.11 3.98
CA LEU A 105 -13.74 -2.63 5.36
C LEU A 105 -14.60 -3.52 6.26
N SER A 106 -15.66 -4.09 5.71
CA SER A 106 -16.51 -4.99 6.46
C SER A 106 -15.74 -6.24 6.80
N MET A 107 -14.93 -6.70 5.84
CA MET A 107 -14.04 -7.84 6.05
C MET A 107 -13.05 -7.57 7.20
N LEU A 108 -12.49 -6.35 7.24
CA LEU A 108 -11.66 -5.92 8.35
C LEU A 108 -12.40 -6.01 9.67
N GLN A 109 -13.62 -5.48 9.70
CA GLN A 109 -14.40 -5.47 10.93
C GLN A 109 -14.68 -6.91 11.38
N LYS A 110 -14.98 -7.78 10.43
CA LYS A 110 -15.30 -9.16 10.75
C LYS A 110 -14.05 -9.90 11.29
N ALA A 111 -12.88 -9.58 10.76
CA ALA A 111 -11.64 -10.19 11.23
C ALA A 111 -11.19 -9.63 12.58
N MET A 112 -11.42 -8.35 12.82
CA MET A 112 -11.06 -7.77 14.09
C MET A 112 -11.83 -8.50 15.19
N GLU A 113 -13.12 -8.72 14.95
CA GLU A 113 -13.96 -9.37 15.94
C GLU A 113 -13.47 -10.78 16.25
N ILE A 114 -13.15 -11.54 15.21
CA ILE A 114 -12.65 -12.90 15.36
C ILE A 114 -11.37 -12.92 16.20
N ILE A 115 -10.40 -12.11 15.81
CA ILE A 115 -9.11 -12.05 16.50
C ILE A 115 -9.24 -11.54 17.93
N GLN A 116 -10.09 -10.54 18.14
CA GLN A 116 -10.25 -9.99 19.49
C GLN A 116 -10.76 -11.07 20.42
N GLN A 117 -11.71 -11.85 19.93
CA GLN A 117 -12.29 -12.89 20.76
C GLN A 117 -11.21 -13.94 21.04
N ALA A 118 -10.41 -14.27 20.04
CA ALA A 118 -9.33 -15.21 20.21
C ALA A 118 -8.34 -14.76 21.33
N PHE A 119 -7.90 -13.50 21.27
CA PHE A 119 -6.96 -12.96 22.24
C PHE A 119 -7.56 -12.88 23.63
N ILE A 120 -8.84 -12.58 23.72
CA ILE A 120 -9.48 -12.51 25.02
C ILE A 120 -9.53 -13.92 25.62
N ASN A 121 -9.85 -14.92 24.80
CA ASN A 121 -9.92 -16.29 25.32
C ASN A 121 -8.58 -16.82 25.82
N VAL A 122 -7.48 -16.29 25.29
CA VAL A 122 -6.17 -16.67 25.78
C VAL A 122 -5.90 -15.98 27.12
N ALA A 123 -6.34 -14.74 27.26
CA ALA A 123 -6.17 -14.01 28.51
C ALA A 123 -7.00 -14.63 29.61
N LYS A 124 -8.24 -14.97 29.32
CA LYS A 124 -9.11 -15.60 30.31
C LYS A 124 -8.47 -16.88 30.82
N LYS A 125 -7.95 -17.65 29.88
CA LYS A 125 -7.33 -18.94 30.18
C LYS A 125 -6.10 -18.79 31.09
N HIS A 126 -5.26 -17.81 30.79
CA HIS A 126 -4.02 -17.65 31.55
C HIS A 126 -4.16 -16.77 32.79
N PHE A 127 -5.15 -15.87 32.79
CA PHE A 127 -5.21 -14.88 33.85
C PHE A 127 -6.54 -14.88 34.60
N GLY A 128 -7.33 -15.92 34.41
CA GLY A 128 -8.67 -15.97 34.98
C GLY A 128 -8.75 -15.72 36.46
N GLU A 129 -7.75 -16.19 37.20
CA GLU A 129 -7.77 -16.19 38.65
C GLU A 129 -7.44 -14.82 39.26
N PHE A 130 -6.70 -14.03 38.51
CA PHE A 130 -6.20 -12.77 39.02
C PHE A 130 -6.96 -11.65 38.34
N PHE A 131 -8.06 -11.24 38.96
CA PHE A 131 -9.03 -10.35 38.33
C PHE A 131 -8.43 -9.00 37.93
N ASN A 132 -7.59 -8.42 38.77
CA ASN A 132 -6.94 -7.16 38.44
C ASN A 132 -6.09 -7.32 37.18
N LEU A 133 -5.30 -8.40 37.17
CA LEU A 133 -4.39 -8.68 36.06
C LEU A 133 -5.15 -8.91 34.76
N ASN A 134 -6.10 -9.84 34.81
CA ASN A 134 -6.95 -10.13 33.67
C ASN A 134 -7.59 -8.84 33.16
N GLN A 135 -8.10 -8.03 34.07
CA GLN A 135 -8.74 -6.78 33.71
C GLN A 135 -7.81 -5.84 32.94
N THR A 136 -6.66 -5.49 33.54
CA THR A 136 -5.76 -4.56 32.84
C THR A 136 -5.26 -5.15 31.52
N VAL A 137 -5.12 -6.47 31.46
CA VAL A 137 -4.69 -7.11 30.21
C VAL A 137 -5.76 -7.00 29.13
N GLN A 138 -7.01 -7.24 29.50
CA GLN A 138 -8.09 -7.11 28.53
C GLN A 138 -8.23 -5.67 28.05
N SER A 139 -8.03 -4.71 28.95
CA SER A 139 -8.08 -3.31 28.55
C SER A 139 -6.94 -3.00 27.56
N THR A 140 -5.74 -3.51 27.85
CA THR A 140 -4.60 -3.42 26.94
C THR A 140 -4.89 -3.97 25.55
N ILE A 141 -5.44 -5.18 25.51
CA ILE A 141 -5.86 -5.84 24.29
C ILE A 141 -6.81 -4.95 23.49
N GLU A 142 -7.80 -4.36 24.17
CA GLU A 142 -8.71 -3.43 23.49
C GLU A 142 -7.94 -2.23 22.89
N ASP A 143 -7.12 -1.57 23.71
CA ASP A 143 -6.37 -0.40 23.27
C ASP A 143 -5.60 -0.68 21.98
N ILE A 144 -4.80 -1.74 22.03
CA ILE A 144 -4.00 -2.16 20.89
C ILE A 144 -4.87 -2.54 19.68
N LYS A 145 -6.02 -3.15 19.95
CA LYS A 145 -6.99 -3.44 18.91
C LYS A 145 -7.43 -2.19 18.15
N VAL A 146 -7.90 -1.18 18.87
CA VAL A 146 -8.44 -0.01 18.17
C VAL A 146 -7.36 0.76 17.43
N LYS A 147 -6.16 0.81 18.00
CA LYS A 147 -5.06 1.45 17.30
C LYS A 147 -4.76 0.71 16.01
N HIS A 148 -4.62 -0.60 16.10
CA HIS A 148 -4.27 -1.36 14.89
C HIS A 148 -5.38 -1.42 13.85
N THR A 149 -6.63 -1.34 14.28
CA THR A 149 -7.74 -1.27 13.33
C THR A 149 -7.66 0.07 12.60
N ALA A 150 -7.35 1.13 13.34
CA ALA A 150 -7.16 2.41 12.71
C ALA A 150 -6.11 2.31 11.61
N LYS A 151 -4.96 1.74 11.93
CA LYS A 151 -3.89 1.55 10.92
C LYS A 151 -4.36 0.79 9.68
N ALA A 152 -5.06 -0.31 9.92
CA ALA A 152 -5.50 -1.16 8.84
C ALA A 152 -6.48 -0.43 7.95
N GLU A 153 -7.38 0.32 8.57
CA GLU A 153 -8.38 1.04 7.80
C GLU A 153 -7.71 2.10 6.95
N ASN A 154 -6.75 2.82 7.52
CA ASN A 154 -6.02 3.79 6.73
C ASN A 154 -5.30 3.15 5.56
N MET A 155 -4.64 2.02 5.78
CA MET A 155 -4.01 1.32 4.66
C MET A 155 -5.00 0.90 3.56
N ILE A 156 -6.19 0.50 3.95
CA ILE A 156 -7.18 0.07 2.97
C ILE A 156 -7.70 1.24 2.15
N GLN A 157 -8.06 2.33 2.84
CA GLN A 157 -8.39 3.56 2.16
C GLN A 157 -7.25 4.04 1.23
N LEU A 158 -6.02 3.97 1.71
CA LEU A 158 -4.86 4.36 0.92
C LEU A 158 -4.76 3.50 -0.34
N GLN A 159 -4.91 2.19 -0.20
CA GLN A 159 -4.84 1.29 -1.35
C GLN A 159 -5.90 1.65 -2.38
N PHE A 160 -7.12 1.94 -1.94
CA PHE A 160 -8.14 2.31 -2.93
C PHE A 160 -7.95 3.67 -3.57
N ARG A 161 -7.48 4.66 -2.80
CA ARG A 161 -7.12 5.96 -3.37
C ARG A 161 -6.12 5.69 -4.47
N MET A 162 -5.04 5.01 -4.12
CA MET A 162 -3.97 4.65 -5.03
C MET A 162 -4.52 3.95 -6.29
N GLU A 163 -5.41 3.00 -6.12
CA GLU A 163 -5.97 2.28 -7.24
C GLU A 163 -6.74 3.26 -8.16
N GLN A 164 -7.45 4.20 -7.58
CA GLN A 164 -8.23 5.17 -8.34
C GLN A 164 -7.33 6.11 -9.13
N MET A 165 -6.40 6.76 -8.45
CA MET A 165 -5.46 7.69 -9.08
C MET A 165 -4.58 7.02 -10.12
N VAL A 166 -3.96 5.89 -9.78
CA VAL A 166 -3.07 5.26 -10.72
C VAL A 166 -3.83 4.65 -11.89
N PHE A 167 -5.15 4.50 -11.77
CA PHE A 167 -5.90 3.97 -12.92
C PHE A 167 -5.87 4.83 -14.16
N LYS A 168 -5.99 6.15 -13.93
CA LYS A 168 -6.00 7.18 -14.96
C LYS A 168 -4.89 7.01 -16.03
N SER A 179 -5.86 13.40 -30.02
CA SER A 179 -4.92 12.29 -30.21
C SER A 179 -5.59 11.09 -30.89
N VAL A 180 -4.94 9.93 -30.79
CA VAL A 180 -5.43 8.70 -31.45
C VAL A 180 -5.62 7.49 -30.51
N SER A 181 -6.78 6.86 -30.66
CA SER A 181 -7.15 5.67 -29.91
C SER A 181 -7.96 4.75 -30.81
N SER A 182 -8.46 3.67 -30.22
CA SER A 182 -9.34 2.72 -30.90
C SER A 182 -10.11 2.01 -29.82
N PHE A 183 -11.35 1.65 -30.10
CA PHE A 183 -12.10 0.93 -29.09
C PHE A 183 -11.56 -0.48 -28.93
N THR A 184 -11.00 -1.03 -29.99
CA THR A 184 -10.48 -2.38 -29.95
C THR A 184 -9.39 -2.42 -28.85
N GLU A 185 -8.48 -1.44 -28.91
CA GLU A 185 -7.42 -1.33 -27.91
C GLU A 185 -7.90 -0.99 -26.49
N ILE A 186 -8.82 -0.04 -26.35
CA ILE A 186 -9.42 0.24 -25.03
C ILE A 186 -10.02 -1.02 -24.41
N GLY A 187 -10.69 -1.85 -25.22
CA GLY A 187 -11.29 -3.07 -24.72
C GLY A 187 -10.27 -4.05 -24.17
N ILE A 188 -9.20 -4.26 -24.95
CA ILE A 188 -8.09 -5.10 -24.55
C ILE A 188 -7.41 -4.64 -23.27
N HIS A 189 -7.01 -3.38 -23.26
CA HIS A 189 -6.41 -2.77 -22.10
C HIS A 189 -7.28 -2.95 -20.85
N LEU A 190 -8.56 -2.60 -20.98
CA LEU A 190 -9.46 -2.68 -19.84
C LEU A 190 -9.58 -4.09 -19.33
N ASN A 191 -9.80 -5.05 -20.23
CA ASN A 191 -9.79 -6.46 -19.81
C ASN A 191 -8.54 -6.85 -19.00
N ALA A 192 -7.37 -6.55 -19.57
CA ALA A 192 -6.11 -6.85 -18.89
C ALA A 192 -6.08 -6.24 -17.50
N TYR A 193 -6.49 -4.98 -17.44
CA TYR A 193 -6.59 -4.24 -16.19
C TYR A 193 -7.47 -4.93 -15.15
N PHE A 194 -8.69 -5.30 -15.52
CA PHE A 194 -9.60 -5.94 -14.56
C PHE A 194 -9.03 -7.25 -14.05
N LEU A 195 -8.39 -8.00 -14.94
CA LEU A 195 -7.75 -9.27 -14.59
C LEU A 195 -6.70 -9.08 -13.50
N GLU A 196 -5.74 -8.21 -13.82
CA GLU A 196 -4.63 -7.95 -12.93
C GLU A 196 -5.11 -7.33 -11.63
N THR A 197 -6.00 -6.36 -11.72
CA THR A 197 -6.49 -5.68 -10.53
C THR A 197 -7.22 -6.61 -9.57
N SER A 198 -8.12 -7.41 -10.10
CA SER A 198 -8.85 -8.32 -9.23
C SER A 198 -7.86 -9.28 -8.55
N LYS A 199 -6.93 -9.84 -9.31
CA LYS A 199 -5.98 -10.77 -8.68
C LYS A 199 -5.12 -10.06 -7.61
N ARG A 200 -4.78 -8.80 -7.84
CA ARG A 200 -3.98 -8.04 -6.87
C ARG A 200 -4.76 -7.80 -5.60
N LEU A 201 -5.93 -7.18 -5.73
CA LEU A 201 -6.76 -6.84 -4.58
C LEU A 201 -7.13 -8.09 -3.75
N ALA A 202 -7.33 -9.23 -4.43
CA ALA A 202 -7.56 -10.53 -3.76
C ALA A 202 -6.58 -10.87 -2.63
N ASN A 203 -5.31 -10.52 -2.82
CA ASN A 203 -4.29 -10.78 -1.82
C ASN A 203 -4.01 -9.54 -1.01
N GLN A 204 -4.07 -8.40 -1.68
CA GLN A 204 -3.58 -7.18 -1.10
C GLN A 204 -4.43 -6.77 0.07
N ILE A 205 -5.76 -6.85 -0.04
CA ILE A 205 -6.52 -6.42 1.15
C ILE A 205 -6.36 -7.36 2.37
N PRO A 206 -6.50 -8.68 2.17
CA PRO A 206 -6.15 -9.58 3.26
C PRO A 206 -4.71 -9.40 3.82
N PHE A 207 -3.72 -9.09 2.98
CA PHE A 207 -2.37 -8.88 3.49
C PHE A 207 -2.36 -7.80 4.55
N ILE A 208 -2.94 -6.66 4.20
CA ILE A 208 -3.07 -5.54 5.13
C ILE A 208 -3.77 -5.98 6.42
N ILE A 209 -4.85 -6.73 6.29
CA ILE A 209 -5.58 -7.20 7.46
C ILE A 209 -4.73 -8.12 8.35
N GLN A 210 -4.02 -9.07 7.75
CA GLN A 210 -3.12 -9.95 8.52
C GLN A 210 -1.98 -9.17 9.15
N TYR A 211 -1.31 -8.34 8.35
CA TYR A 211 -0.16 -7.62 8.85
C TYR A 211 -0.54 -6.81 10.08
N PHE A 212 -1.63 -6.05 9.97
CA PHE A 212 -1.98 -5.12 11.05
C PHE A 212 -2.78 -5.74 12.20
N MET A 213 -3.69 -6.67 11.91
CA MET A 213 -4.56 -7.23 12.95
C MET A 213 -4.01 -8.49 13.58
N LEU A 214 -3.04 -9.10 12.94
CA LEU A 214 -2.48 -10.34 13.46
C LEU A 214 -1.03 -10.17 13.88
N ARG A 215 -0.14 -9.93 12.92
CA ARG A 215 1.28 -9.77 13.19
C ARG A 215 1.61 -8.56 14.08
N GLU A 216 1.28 -7.37 13.62
CA GLU A 216 1.59 -6.18 14.39
C GLU A 216 0.81 -6.16 15.72
N ASN A 217 -0.42 -6.65 15.68
CA ASN A 217 -1.27 -6.69 16.86
C ASN A 217 -0.67 -7.60 17.95
N GLY A 218 -0.40 -8.85 17.57
CA GLY A 218 0.23 -9.82 18.44
C GLY A 218 1.55 -9.30 19.00
N ASP A 219 2.38 -8.74 18.13
CA ASP A 219 3.67 -8.19 18.56
C ASP A 219 3.52 -7.05 19.57
N SER A 220 2.63 -6.11 19.26
CA SER A 220 2.36 -4.99 20.16
C SER A 220 1.92 -5.49 21.53
N LEU A 221 1.04 -6.48 21.52
CA LEU A 221 0.52 -7.08 22.73
C LEU A 221 1.63 -7.71 23.58
N GLN A 222 2.48 -8.54 22.95
CA GLN A 222 3.59 -9.16 23.65
C GLN A 222 4.54 -8.12 24.25
N LYS A 223 4.84 -7.07 23.47
CA LYS A 223 5.72 -6.00 23.96
C LYS A 223 5.13 -5.37 25.21
N ALA A 224 3.81 -5.15 25.18
CA ALA A 224 3.14 -4.54 26.34
C ALA A 224 3.23 -5.44 27.58
N MET A 225 3.02 -6.74 27.38
CA MET A 225 3.11 -7.68 28.48
C MET A 225 4.52 -7.69 29.07
N MET A 226 5.52 -7.65 28.20
CA MET A 226 6.91 -7.56 28.65
C MET A 226 7.09 -6.28 29.49
N GLN A 227 6.42 -5.22 29.07
CA GLN A 227 6.57 -3.95 29.78
C GLN A 227 5.90 -3.98 31.17
N ILE A 228 5.00 -4.95 31.37
CA ILE A 228 4.39 -5.13 32.69
C ILE A 228 5.37 -5.64 33.76
N LEU A 229 6.32 -6.49 33.35
CA LEU A 229 7.28 -7.08 34.28
C LEU A 229 8.16 -6.00 34.88
N GLN A 230 8.14 -4.83 34.26
CA GLN A 230 8.94 -3.72 34.71
C GLN A 230 8.48 -3.17 36.05
N GLU A 231 7.21 -2.77 36.14
CA GLU A 231 6.74 -2.10 37.34
C GLU A 231 6.43 -3.07 38.46
N LYS A 232 7.31 -3.13 39.46
CA LYS A 232 7.27 -4.20 40.45
C LYS A 232 6.41 -3.86 41.63
N ASN A 233 6.24 -2.57 41.90
CA ASN A 233 5.43 -2.14 43.03
C ASN A 233 3.97 -2.44 42.76
N ARG A 234 3.69 -3.04 41.61
CA ARG A 234 2.33 -3.36 41.22
C ARG A 234 2.08 -4.87 41.19
N TYR A 235 3.16 -5.66 41.25
CA TYR A 235 2.99 -7.13 41.25
C TYR A 235 1.97 -7.59 42.28
N SER A 236 2.06 -6.98 43.47
CA SER A 236 1.20 -7.34 44.60
C SER A 236 -0.26 -7.20 44.22
N TRP A 237 -0.57 -6.12 43.51
CA TRP A 237 -1.95 -5.81 43.18
C TRP A 237 -2.53 -6.81 42.18
N LEU A 238 -1.65 -7.56 41.53
CA LEU A 238 -2.02 -8.55 40.54
C LEU A 238 -2.28 -9.96 41.13
N GLU B 3 -0.59 50.33 -3.42
CA GLU B 3 -1.53 49.79 -4.38
C GLU B 3 -0.79 49.20 -5.58
N ALA B 4 0.52 49.45 -5.66
CA ALA B 4 1.36 48.83 -6.67
C ALA B 4 1.37 47.29 -6.56
N ASP B 5 0.60 46.76 -5.61
CA ASP B 5 0.53 45.32 -5.39
C ASP B 5 -0.40 44.60 -6.38
N LYS B 6 -0.53 45.13 -7.59
CA LYS B 6 -1.21 44.46 -8.67
C LYS B 6 -0.29 43.32 -8.93
N MET B 7 0.74 43.24 -8.07
CA MET B 7 1.79 42.23 -8.09
C MET B 7 1.21 40.86 -7.83
N PHE B 8 0.00 40.78 -7.29
CA PHE B 8 -0.74 39.50 -7.25
C PHE B 8 -0.94 38.97 -8.65
N PHE B 9 -0.63 39.74 -9.68
CA PHE B 9 -0.80 39.20 -11.03
C PHE B 9 0.32 38.22 -11.43
N LEU B 10 1.23 37.97 -10.50
CA LEU B 10 2.16 36.86 -10.63
C LEU B 10 1.36 35.57 -10.51
N ILE B 11 0.20 35.67 -9.87
CA ILE B 11 -0.73 34.56 -9.74
C ILE B 11 -0.99 33.90 -11.09
N GLU B 12 -1.14 34.71 -12.13
CA GLU B 12 -1.37 34.13 -13.43
C GLU B 12 -0.19 33.21 -13.80
N LYS B 13 1.04 33.69 -13.58
CA LYS B 13 2.27 32.90 -13.82
C LYS B 13 2.18 31.53 -13.16
N ILE B 14 2.01 31.55 -11.84
CA ILE B 14 1.83 30.34 -11.05
C ILE B 14 0.77 29.41 -11.62
N LYS B 15 -0.41 29.96 -11.83
CA LYS B 15 -1.54 29.19 -12.33
C LYS B 15 -1.15 28.52 -13.66
N MET B 16 -0.40 29.22 -14.50
CA MET B 16 0.03 28.63 -15.78
C MET B 16 1.00 27.47 -15.48
N PHE B 17 1.98 27.75 -14.64
CA PHE B 17 2.98 26.77 -14.25
C PHE B 17 2.30 25.53 -13.70
N ASN B 18 1.50 25.71 -12.65
CA ASN B 18 0.70 24.63 -12.10
C ASN B 18 -0.03 23.81 -13.17
N GLN B 19 -0.64 24.50 -14.15
CA GLN B 19 -1.35 23.81 -15.22
C GLN B 19 -0.41 22.83 -15.89
N ASP B 20 0.73 23.34 -16.36
CA ASP B 20 1.74 22.50 -17.00
C ASP B 20 2.09 21.31 -16.11
N ILE B 21 2.26 21.54 -14.81
CA ILE B 21 2.61 20.47 -13.88
C ILE B 21 1.54 19.41 -13.96
N GLU B 22 0.27 19.82 -13.85
CA GLU B 22 -0.83 18.85 -13.90
C GLU B 22 -0.84 18.08 -15.22
N LYS B 23 -0.46 18.73 -16.32
CA LYS B 23 -0.44 18.02 -17.58
C LYS B 23 0.56 16.86 -17.47
N LEU B 24 1.75 17.15 -16.93
CA LEU B 24 2.76 16.10 -16.70
C LEU B 24 2.20 15.00 -15.81
N VAL B 25 1.43 15.36 -14.81
CA VAL B 25 0.93 14.35 -13.91
C VAL B 25 -0.04 13.42 -14.63
N GLU B 26 -0.78 13.95 -15.59
CA GLU B 26 -1.78 13.12 -16.28
C GLU B 26 -1.28 12.52 -17.59
N GLY B 27 0.01 12.72 -17.88
CA GLY B 27 0.65 12.17 -19.08
C GLY B 27 0.19 12.82 -20.36
N GLU B 28 -0.54 13.93 -20.23
CA GLU B 28 -1.06 14.65 -21.37
C GLU B 28 -0.22 15.88 -21.71
N GLU B 29 1.08 15.80 -21.42
CA GLU B 29 2.04 16.86 -21.69
C GLU B 29 2.16 17.07 -23.20
N VAL B 30 2.99 18.02 -23.60
CA VAL B 30 3.18 18.33 -25.01
C VAL B 30 4.67 18.30 -25.34
N VAL B 31 5.07 17.52 -26.34
CA VAL B 31 6.49 17.33 -26.60
C VAL B 31 6.86 17.69 -28.04
N ARG B 32 8.15 17.78 -28.29
CA ARG B 32 8.69 17.95 -29.64
C ARG B 32 8.66 16.60 -30.36
N GLU B 33 9.16 16.58 -31.58
CA GLU B 33 9.38 15.33 -32.31
C GLU B 33 10.72 14.73 -31.87
N ASN B 34 11.56 15.56 -31.24
CA ASN B 34 12.91 15.17 -30.84
C ASN B 34 13.07 14.97 -29.33
N GLU B 35 12.00 14.59 -28.65
CA GLU B 35 12.02 14.32 -27.22
C GLU B 35 10.91 13.36 -26.85
N THR B 36 11.10 12.66 -25.73
CA THR B 36 10.18 11.61 -25.32
C THR B 36 9.22 12.09 -24.26
N ARG B 37 8.14 11.36 -24.11
CA ARG B 37 7.19 11.65 -23.06
C ARG B 37 7.76 11.27 -21.69
N LEU B 38 7.10 11.75 -20.64
CA LEU B 38 7.49 11.43 -19.29
C LEU B 38 7.15 9.98 -18.99
N TYR B 39 5.86 9.65 -19.15
CA TYR B 39 5.37 8.30 -18.93
C TYR B 39 6.23 7.24 -19.60
N ASN B 40 6.81 7.56 -20.75
CA ASN B 40 7.58 6.57 -21.49
C ASN B 40 8.94 6.29 -20.82
N LYS B 41 9.58 7.34 -20.30
CA LYS B 41 10.81 7.21 -19.52
C LYS B 41 10.56 6.40 -18.25
N ILE B 42 9.43 6.73 -17.65
CA ILE B 42 9.02 6.04 -16.44
C ILE B 42 8.70 4.55 -16.71
N ARG B 43 7.96 4.26 -17.78
CA ARG B 43 7.65 2.87 -18.11
C ARG B 43 8.92 2.13 -18.48
N GLU B 44 9.86 2.81 -19.08
CA GLU B 44 11.13 2.17 -19.37
C GLU B 44 11.74 1.67 -18.07
N ASP B 45 11.71 2.54 -17.07
CA ASP B 45 12.15 2.16 -15.75
C ASP B 45 11.35 0.96 -15.15
N PHE B 46 10.02 1.06 -15.16
CA PHE B 46 9.16 0.01 -14.62
C PHE B 46 9.37 -1.32 -15.31
N LYS B 47 9.53 -1.27 -16.64
CA LYS B 47 9.73 -2.46 -17.44
C LYS B 47 11.04 -3.13 -17.05
N ASN B 48 12.08 -2.34 -16.80
CA ASN B 48 13.31 -2.91 -16.27
C ASN B 48 13.04 -3.67 -14.96
N TRP B 49 12.22 -3.08 -14.08
CA TRP B 49 11.80 -3.75 -12.85
C TRP B 49 11.15 -5.11 -13.12
N VAL B 50 10.10 -5.12 -13.94
CA VAL B 50 9.43 -6.36 -14.30
C VAL B 50 10.40 -7.42 -14.84
N GLY B 51 11.36 -6.99 -15.64
CA GLY B 51 12.37 -7.89 -16.11
C GLY B 51 13.18 -8.49 -14.98
N ILE B 52 13.63 -7.64 -14.06
CA ILE B 52 14.38 -8.10 -12.90
C ILE B 52 13.61 -9.15 -12.10
N LEU B 53 12.35 -8.81 -11.81
CA LEU B 53 11.42 -9.70 -11.15
C LEU B 53 11.39 -11.05 -11.88
N ALA B 54 11.19 -11.01 -13.20
CA ALA B 54 11.11 -12.24 -13.99
C ALA B 54 12.39 -13.06 -13.87
N THR B 55 13.52 -12.40 -13.92
CA THR B 55 14.81 -13.05 -13.72
C THR B 55 14.89 -13.77 -12.37
N ASN B 56 14.60 -13.06 -11.28
CA ASN B 56 14.70 -13.66 -9.94
C ASN B 56 13.70 -14.78 -9.71
N THR B 57 12.54 -14.66 -10.36
CA THR B 57 11.49 -15.68 -10.26
C THR B 57 11.91 -16.93 -11.03
N GLN B 58 12.48 -16.74 -12.22
CA GLN B 58 13.09 -17.84 -12.97
C GLN B 58 14.18 -18.50 -12.12
N LYS B 59 14.91 -17.66 -11.39
CA LYS B 59 15.99 -18.11 -10.53
C LYS B 59 15.51 -19.08 -9.46
N VAL B 60 14.52 -18.68 -8.67
CA VAL B 60 14.03 -19.61 -7.65
C VAL B 60 13.24 -20.79 -8.24
N LYS B 61 12.59 -20.58 -9.39
CA LYS B 61 11.92 -21.69 -10.07
C LYS B 61 12.94 -22.77 -10.41
N ASN B 62 14.06 -22.37 -11.03
CA ASN B 62 15.14 -23.30 -11.35
C ASN B 62 15.70 -23.96 -10.10
N ILE B 63 15.91 -23.17 -9.04
CA ILE B 63 16.37 -23.71 -7.75
C ILE B 63 15.50 -24.86 -7.24
N ILE B 64 14.20 -24.62 -7.12
CA ILE B 64 13.29 -25.65 -6.61
C ILE B 64 13.04 -26.80 -7.61
N HIS B 65 13.15 -26.52 -8.90
CA HIS B 65 13.02 -27.54 -9.94
C HIS B 65 14.17 -28.54 -9.78
N GLU B 66 15.35 -28.02 -9.44
CA GLU B 66 16.49 -28.88 -9.14
C GLU B 66 16.25 -29.80 -7.95
N GLU B 67 15.49 -29.31 -6.98
CA GLU B 67 15.27 -30.01 -5.74
C GLU B 67 13.86 -30.57 -5.70
N THR B 88 13.44 -22.54 7.23
CA THR B 88 12.62 -23.54 6.54
C THR B 88 12.38 -23.31 5.05
N PHE B 89 11.12 -23.06 4.70
CA PHE B 89 10.68 -22.73 3.36
C PHE B 89 10.81 -21.22 3.19
N GLU B 90 10.35 -20.58 4.26
CA GLU B 90 10.43 -19.15 4.46
C GLU B 90 11.74 -18.45 4.14
N ILE B 91 12.85 -19.07 4.50
CA ILE B 91 14.18 -18.53 4.21
C ILE B 91 14.30 -18.13 2.73
N ILE B 92 13.79 -18.98 1.85
CA ILE B 92 13.84 -18.78 0.41
C ILE B 92 13.03 -17.55 0.02
N VAL B 93 11.92 -17.34 0.70
CA VAL B 93 11.08 -16.17 0.46
C VAL B 93 11.77 -14.89 0.93
N HIS B 94 12.27 -14.94 2.16
CA HIS B 94 13.06 -13.85 2.72
C HIS B 94 14.12 -13.44 1.72
N GLN B 95 14.88 -14.42 1.22
CA GLN B 95 15.98 -14.17 0.31
C GLN B 95 15.47 -13.55 -0.99
N TYR B 96 14.43 -14.16 -1.53
CA TYR B 96 13.81 -13.71 -2.78
C TYR B 96 13.49 -12.21 -2.72
N ILE B 97 12.91 -11.79 -1.60
CA ILE B 97 12.51 -10.40 -1.43
C ILE B 97 13.72 -9.48 -1.15
N GLN B 98 14.62 -9.94 -0.28
CA GLN B 98 15.82 -9.16 0.03
C GLN B 98 16.56 -8.81 -1.27
N GLN B 99 16.52 -9.75 -2.22
CA GLN B 99 17.14 -9.55 -3.52
C GLN B 99 16.37 -8.58 -4.41
N LEU B 100 15.19 -8.18 -3.96
CA LEU B 100 14.37 -7.20 -4.67
C LEU B 100 14.41 -5.82 -4.03
N VAL B 101 14.94 -5.72 -2.80
CA VAL B 101 14.96 -4.39 -2.18
C VAL B 101 15.80 -3.38 -2.98
N GLU B 102 17.02 -3.76 -3.37
CA GLU B 102 17.86 -2.84 -4.15
C GLU B 102 17.26 -2.41 -5.50
N PRO B 103 16.84 -3.37 -6.35
CA PRO B 103 16.17 -2.99 -7.60
C PRO B 103 14.96 -2.08 -7.42
N ALA B 104 14.19 -2.32 -6.35
CA ALA B 104 12.94 -1.58 -6.16
C ALA B 104 13.27 -0.14 -5.81
N LEU B 105 14.18 0.03 -4.86
CA LEU B 105 14.55 1.38 -4.46
C LEU B 105 15.35 2.11 -5.53
N SER B 106 16.11 1.34 -6.30
CA SER B 106 16.82 1.91 -7.43
C SER B 106 15.81 2.39 -8.45
N MET B 107 14.74 1.64 -8.64
CA MET B 107 13.64 2.10 -9.50
C MET B 107 13.01 3.37 -8.99
N LEU B 108 12.79 3.46 -7.67
CA LEU B 108 12.24 4.67 -7.06
C LEU B 108 13.14 5.84 -7.39
N GLN B 109 14.42 5.68 -7.13
CA GLN B 109 15.34 6.75 -7.40
C GLN B 109 15.37 7.19 -8.87
N LYS B 110 15.24 6.27 -9.81
CA LYS B 110 15.36 6.72 -11.18
C LYS B 110 14.10 7.49 -11.58
N ALA B 111 12.95 7.07 -11.06
CA ALA B 111 11.69 7.76 -11.39
C ALA B 111 11.65 9.14 -10.74
N MET B 112 12.21 9.26 -9.55
CA MET B 112 12.24 10.54 -8.89
C MET B 112 13.02 11.52 -9.76
N GLU B 113 14.19 11.08 -10.22
CA GLU B 113 15.08 11.92 -11.02
C GLU B 113 14.43 12.37 -12.33
N ILE B 114 13.79 11.43 -13.01
CA ILE B 114 13.07 11.76 -14.24
C ILE B 114 12.01 12.83 -13.98
N ILE B 115 11.15 12.61 -12.98
CA ILE B 115 10.10 13.56 -12.62
C ILE B 115 10.66 14.90 -12.09
N GLN B 116 11.69 14.86 -11.28
CA GLN B 116 12.22 16.12 -10.79
C GLN B 116 12.78 16.93 -11.95
N GLN B 117 13.40 16.24 -12.91
CA GLN B 117 13.96 16.92 -14.08
C GLN B 117 12.83 17.53 -14.89
N ALA B 118 11.73 16.79 -14.98
CA ALA B 118 10.56 17.26 -15.69
C ALA B 118 10.00 18.54 -15.08
N PHE B 119 9.80 18.54 -13.76
CA PHE B 119 9.20 19.68 -13.06
C PHE B 119 10.10 20.91 -13.17
N ILE B 120 11.41 20.68 -13.11
CA ILE B 120 12.38 21.76 -13.22
C ILE B 120 12.36 22.40 -14.59
N ASN B 121 12.23 21.60 -15.64
CA ASN B 121 12.14 22.17 -16.98
C ASN B 121 10.88 23.03 -17.15
N VAL B 122 9.83 22.71 -16.39
CA VAL B 122 8.63 23.54 -16.40
C VAL B 122 8.94 24.86 -15.71
N ALA B 123 9.74 24.77 -14.66
CA ALA B 123 10.11 25.94 -13.89
C ALA B 123 11.01 26.86 -14.70
N LYS B 124 12.03 26.30 -15.34
CA LYS B 124 12.97 27.07 -16.18
C LYS B 124 12.24 27.82 -17.25
N LYS B 125 11.28 27.13 -17.87
CA LYS B 125 10.52 27.70 -18.98
C LYS B 125 9.63 28.88 -18.55
N HIS B 126 8.94 28.76 -17.42
CA HIS B 126 7.99 29.80 -17.00
C HIS B 126 8.65 30.90 -16.18
N PHE B 127 9.75 30.57 -15.50
CA PHE B 127 10.35 31.47 -14.52
C PHE B 127 11.82 31.80 -14.79
N GLY B 128 12.29 31.51 -15.99
CA GLY B 128 13.67 31.76 -16.35
C GLY B 128 14.13 33.19 -16.14
N GLU B 129 13.21 34.14 -16.35
CA GLU B 129 13.53 35.57 -16.35
C GLU B 129 13.60 36.18 -14.96
N PHE B 130 12.91 35.56 -14.02
CA PHE B 130 12.81 36.07 -12.66
C PHE B 130 13.65 35.18 -11.80
N PHE B 131 14.91 35.54 -11.60
CA PHE B 131 15.81 34.59 -10.96
C PHE B 131 15.32 34.16 -9.57
N ASN B 132 14.91 35.12 -8.74
CA ASN B 132 14.48 34.82 -7.39
C ASN B 132 13.32 33.83 -7.31
N LEU B 133 12.29 34.08 -8.12
CA LEU B 133 11.13 33.19 -8.17
C LEU B 133 11.52 31.80 -8.65
N ASN B 134 12.23 31.71 -9.78
CA ASN B 134 12.71 30.42 -10.29
C ASN B 134 13.48 29.65 -9.21
N GLN B 135 14.39 30.34 -8.54
CA GLN B 135 15.19 29.77 -7.46
C GLN B 135 14.29 29.19 -6.35
N THR B 136 13.40 30.02 -5.79
CA THR B 136 12.55 29.54 -4.69
C THR B 136 11.60 28.43 -5.12
N VAL B 137 11.13 28.48 -6.37
CA VAL B 137 10.26 27.43 -6.89
C VAL B 137 11.01 26.10 -6.97
N GLN B 138 12.24 26.14 -7.51
CA GLN B 138 13.05 24.93 -7.59
C GLN B 138 13.39 24.36 -6.21
N SER B 139 13.69 25.23 -5.25
CA SER B 139 13.91 24.73 -3.88
C SER B 139 12.61 24.09 -3.33
N THR B 140 11.46 24.72 -3.56
CA THR B 140 10.19 24.08 -3.20
C THR B 140 10.03 22.68 -3.81
N ILE B 141 10.29 22.58 -5.12
CA ILE B 141 10.23 21.31 -5.84
C ILE B 141 11.09 20.26 -5.12
N GLU B 142 12.35 20.60 -4.79
CA GLU B 142 13.21 19.66 -4.07
C GLU B 142 12.63 19.21 -2.73
N ASP B 143 12.24 20.18 -1.91
CA ASP B 143 11.67 19.87 -0.59
C ASP B 143 10.50 18.86 -0.67
N ILE B 144 9.54 19.16 -1.54
CA ILE B 144 8.40 18.27 -1.72
C ILE B 144 8.80 16.89 -2.26
N LYS B 145 9.76 16.86 -3.18
CA LYS B 145 10.35 15.59 -3.64
C LYS B 145 10.88 14.74 -2.49
N VAL B 146 11.66 15.32 -1.56
CA VAL B 146 12.19 14.48 -0.48
C VAL B 146 11.07 13.98 0.44
N LYS B 147 10.07 14.81 0.67
CA LYS B 147 8.94 14.31 1.47
C LYS B 147 8.28 13.10 0.82
N HIS B 148 7.93 13.24 -0.46
CA HIS B 148 7.21 12.13 -1.08
C HIS B 148 8.11 10.91 -1.35
N THR B 149 9.40 11.13 -1.53
CA THR B 149 10.32 10.00 -1.65
C THR B 149 10.29 9.19 -0.38
N ALA B 150 10.27 9.88 0.76
CA ALA B 150 10.15 9.22 2.06
C ALA B 150 8.86 8.40 2.14
N LYS B 151 7.75 9.02 1.76
CA LYS B 151 6.48 8.28 1.75
C LYS B 151 6.55 7.02 0.90
N ALA B 152 7.06 7.15 -0.33
CA ALA B 152 7.15 6.01 -1.25
C ALA B 152 8.01 4.89 -0.72
N GLU B 153 9.18 5.25 -0.20
CA GLU B 153 10.10 4.25 0.34
C GLU B 153 9.44 3.53 1.52
N ASN B 154 8.77 4.29 2.40
CA ASN B 154 8.07 3.64 3.50
C ASN B 154 6.97 2.68 3.03
N MET B 155 6.16 3.08 2.05
CA MET B 155 5.15 2.17 1.49
C MET B 155 5.74 0.91 0.87
N ILE B 156 6.86 1.05 0.19
CA ILE B 156 7.50 -0.08 -0.45
C ILE B 156 8.06 -1.05 0.56
N GLN B 157 8.78 -0.51 1.56
CA GLN B 157 9.30 -1.35 2.63
C GLN B 157 8.13 -2.04 3.33
N LEU B 158 7.05 -1.32 3.55
CA LEU B 158 5.86 -1.90 4.16
C LEU B 158 5.36 -3.07 3.34
N GLN B 159 5.33 -2.90 2.02
CA GLN B 159 4.91 -3.97 1.13
C GLN B 159 5.79 -5.18 1.28
N PHE B 160 7.11 -5.01 1.35
CA PHE B 160 7.95 -6.21 1.40
C PHE B 160 7.79 -6.91 2.74
N ARG B 161 7.66 -6.10 3.78
CA ARG B 161 7.46 -6.59 5.12
C ARG B 161 6.23 -7.49 5.09
N MET B 162 5.13 -6.93 4.61
CA MET B 162 3.85 -7.62 4.48
C MET B 162 4.05 -8.92 3.67
N GLU B 163 4.73 -8.83 2.57
CA GLU B 163 4.98 -9.96 1.68
C GLU B 163 5.71 -11.11 2.37
N GLN B 164 6.62 -10.80 3.30
CA GLN B 164 7.34 -11.82 4.10
C GLN B 164 6.53 -12.38 5.28
N MET B 165 6.06 -11.49 6.16
CA MET B 165 5.37 -11.91 7.40
C MET B 165 4.14 -12.71 7.02
N VAL B 166 3.32 -12.06 6.24
CA VAL B 166 2.02 -12.58 5.86
C VAL B 166 2.13 -13.91 5.05
N PHE B 167 3.36 -14.38 4.85
CA PHE B 167 3.62 -15.59 4.07
C PHE B 167 2.96 -16.91 4.53
N LYS B 168 3.17 -17.28 5.78
CA LYS B 168 2.60 -18.51 6.32
C LYS B 168 1.22 -18.77 5.73
N THR B 184 4.35 -34.87 -3.52
CA THR B 184 3.32 -35.27 -4.46
C THR B 184 3.03 -34.21 -5.53
N GLU B 185 4.08 -33.74 -6.20
CA GLU B 185 4.01 -32.72 -7.25
C GLU B 185 3.47 -31.39 -6.70
N ILE B 186 3.60 -31.24 -5.38
CA ILE B 186 3.23 -30.04 -4.66
C ILE B 186 3.94 -28.80 -5.23
N GLY B 187 5.16 -29.00 -5.74
CA GLY B 187 6.01 -27.92 -6.20
C GLY B 187 5.33 -26.90 -7.09
N ILE B 188 4.45 -27.36 -7.98
CA ILE B 188 3.72 -26.47 -8.87
C ILE B 188 3.06 -25.32 -8.12
N HIS B 189 2.33 -25.65 -7.05
CA HIS B 189 1.68 -24.63 -6.22
C HIS B 189 2.69 -23.54 -5.85
N LEU B 190 3.85 -23.95 -5.36
CA LEU B 190 4.87 -22.98 -4.98
C LEU B 190 5.28 -22.08 -6.14
N ASN B 191 5.56 -22.68 -7.29
CA ASN B 191 5.86 -21.88 -8.46
C ASN B 191 4.73 -20.89 -8.69
N ALA B 192 3.51 -21.41 -8.71
CA ALA B 192 2.33 -20.59 -8.92
C ALA B 192 2.35 -19.44 -7.93
N TYR B 193 2.66 -19.73 -6.67
CA TYR B 193 2.70 -18.71 -5.64
C TYR B 193 3.64 -17.58 -6.06
N PHE B 194 4.89 -17.93 -6.32
CA PHE B 194 5.86 -16.92 -6.70
C PHE B 194 5.40 -16.21 -7.94
N LEU B 195 4.81 -16.97 -8.86
CA LEU B 195 4.35 -16.38 -10.09
C LEU B 195 3.39 -15.26 -9.71
N GLU B 196 2.36 -15.58 -8.91
CA GLU B 196 1.37 -14.55 -8.62
C GLU B 196 2.06 -13.40 -7.95
N THR B 197 2.93 -13.74 -7.02
CA THR B 197 3.64 -12.73 -6.26
C THR B 197 4.42 -11.81 -7.17
N SER B 198 5.18 -12.35 -8.12
CA SER B 198 5.94 -11.46 -8.99
C SER B 198 4.95 -10.55 -9.73
N LYS B 199 3.91 -11.16 -10.30
CA LYS B 199 2.94 -10.39 -11.04
C LYS B 199 2.26 -9.32 -10.19
N ARG B 200 2.11 -9.58 -8.88
CA ARG B 200 1.51 -8.57 -7.98
C ARG B 200 2.53 -7.43 -7.82
N LEU B 201 3.74 -7.80 -7.43
CA LEU B 201 4.79 -6.83 -7.20
C LEU B 201 5.04 -5.99 -8.46
N ALA B 202 5.01 -6.67 -9.62
CA ALA B 202 5.18 -6.00 -10.90
C ALA B 202 4.31 -4.72 -11.06
N ASN B 203 3.11 -4.73 -10.51
CA ASN B 203 2.32 -3.50 -10.59
C ASN B 203 2.35 -2.74 -9.27
N GLN B 204 2.40 -3.47 -8.16
CA GLN B 204 2.18 -2.82 -6.86
C GLN B 204 3.26 -1.81 -6.52
N ILE B 205 4.52 -2.16 -6.79
CA ILE B 205 5.59 -1.21 -6.48
C ILE B 205 5.54 0.02 -7.42
N PRO B 206 5.42 -0.20 -8.74
CA PRO B 206 5.19 1.00 -9.57
C PRO B 206 3.96 1.84 -9.22
N PHE B 207 2.84 1.27 -8.77
CA PHE B 207 1.71 2.11 -8.39
C PHE B 207 2.14 3.05 -7.28
N ILE B 208 2.76 2.49 -6.24
CA ILE B 208 3.22 3.26 -5.09
C ILE B 208 4.10 4.43 -5.55
N ILE B 209 4.98 4.14 -6.49
CA ILE B 209 5.86 5.16 -7.04
C ILE B 209 5.11 6.24 -7.85
N GLN B 210 4.17 5.85 -8.71
CA GLN B 210 3.35 6.87 -9.41
C GLN B 210 2.53 7.66 -8.41
N TYR B 211 1.90 6.97 -7.46
CA TYR B 211 1.00 7.66 -6.55
C TYR B 211 1.74 8.78 -5.82
N PHE B 212 2.86 8.44 -5.21
CA PHE B 212 3.55 9.41 -4.38
C PHE B 212 4.42 10.36 -5.19
N MET B 213 5.13 9.87 -6.20
CA MET B 213 6.13 10.71 -6.84
C MET B 213 5.53 11.48 -7.99
N LEU B 214 4.34 11.07 -8.41
CA LEU B 214 3.67 11.78 -9.48
C LEU B 214 2.42 12.49 -8.98
N ARG B 215 1.37 11.74 -8.64
CA ARG B 215 0.13 12.36 -8.18
C ARG B 215 0.27 13.18 -6.89
N GLU B 216 0.67 12.56 -5.78
CA GLU B 216 0.75 13.30 -4.52
C GLU B 216 1.78 14.45 -4.55
N ASN B 217 2.89 14.22 -5.25
CA ASN B 217 3.94 15.20 -5.48
C ASN B 217 3.45 16.42 -6.26
N GLY B 218 2.85 16.17 -7.42
CA GLY B 218 2.25 17.22 -8.23
C GLY B 218 1.24 18.03 -7.43
N ASP B 219 0.38 17.33 -6.70
CA ASP B 219 -0.61 18.01 -5.88
C ASP B 219 -0.03 18.91 -4.80
N SER B 220 0.87 18.35 -4.00
CA SER B 220 1.56 19.12 -2.97
C SER B 220 2.29 20.31 -3.55
N LEU B 221 2.91 20.10 -4.71
CA LEU B 221 3.63 21.18 -5.37
C LEU B 221 2.69 22.30 -5.74
N GLN B 222 1.58 22.00 -6.40
CA GLN B 222 0.62 23.05 -6.79
C GLN B 222 0.13 23.82 -5.56
N LYS B 223 -0.20 23.09 -4.49
CA LYS B 223 -0.62 23.75 -3.25
C LYS B 223 0.46 24.67 -2.68
N ALA B 224 1.71 24.20 -2.65
CA ALA B 224 2.81 24.98 -2.08
C ALA B 224 3.03 26.22 -2.93
N MET B 225 2.91 26.03 -4.23
CA MET B 225 3.06 27.15 -5.15
C MET B 225 2.06 28.21 -4.81
N MET B 226 0.82 27.82 -4.56
CA MET B 226 -0.16 28.81 -4.12
C MET B 226 0.17 29.43 -2.76
N GLN B 227 0.65 28.62 -1.84
CA GLN B 227 0.90 29.08 -0.47
C GLN B 227 2.10 30.02 -0.40
N ILE B 228 2.84 30.14 -1.50
CA ILE B 228 3.99 31.05 -1.56
C ILE B 228 3.58 32.50 -1.31
N LEU B 229 2.41 32.85 -1.80
CA LEU B 229 1.89 34.21 -1.76
C LEU B 229 1.52 34.71 -0.37
N GLN B 230 1.59 33.84 0.63
CA GLN B 230 1.09 34.17 1.96
C GLN B 230 1.70 35.48 2.49
N GLU B 231 3.01 35.50 2.64
CA GLU B 231 3.67 36.71 3.14
C GLU B 231 3.98 37.67 1.98
N LYS B 232 3.40 38.87 2.07
CA LYS B 232 3.29 39.78 0.95
C LYS B 232 4.51 40.68 0.74
N ASN B 233 5.36 40.78 1.75
CA ASN B 233 6.55 41.62 1.66
C ASN B 233 7.64 41.03 0.75
N ARG B 234 7.32 39.94 0.07
CA ARG B 234 8.29 39.24 -0.74
C ARG B 234 8.03 39.38 -2.25
N TYR B 235 6.83 39.83 -2.63
CA TYR B 235 6.41 39.97 -4.02
C TYR B 235 7.35 40.78 -4.93
N SER B 236 7.79 41.93 -4.45
CA SER B 236 8.68 42.74 -5.26
C SER B 236 9.96 41.93 -5.50
N TRP B 237 10.43 41.25 -4.46
CA TRP B 237 11.68 40.53 -4.59
C TRP B 237 11.56 39.32 -5.53
N LEU B 238 10.35 38.83 -5.80
CA LEU B 238 10.21 37.64 -6.63
C LEU B 238 10.28 37.92 -8.13
#